data_3BUN
#
_entry.id   3BUN
#
_cell.length_a   122.851
_cell.length_b   122.851
_cell.length_c   55.537
_cell.angle_alpha   90.000
_cell.angle_beta   90.000
_cell.angle_gamma   120.000
#
_symmetry.space_group_name_H-M   'P 6'
#
loop_
_entity.id
_entity.type
_entity.pdbx_description
1 polymer '13-meric peptide from Protein sprouty homolog 4'
2 polymer 'E3 ubiquitin-protein ligase CBL'
3 water water
#
loop_
_entity_poly.entity_id
_entity_poly.type
_entity_poly.pdbx_seq_one_letter_code
_entity_poly.pdbx_strand_id
1 'polypeptide(L)' SHVEND(PTR)IDNPSL A
2 'polypeptide(L)'
;GSLIGLMKDAFQPHHHHHHHLSPHPPGTVDKKMVEKCWKLMDKVVRLCQNPKLALKNSPPYILDLLPDTYQHLRTILSRY
EGKMETLGENEYFRVFMENLMKKTKQTISLFKEGKERMYEENSQPRRNLTKLSLIFSHMLAELKGIFPSGLFQGDTFRIT
KADAAEFWRKAFGEKTIVPWKSFRQALHEVHPISSGLEAMALKSTIDLTCNDYISVFEFDIFTRLFQPWSSLLRNWNSLA
VTHPGYMAFLTYDEVKARLQKFIHKPGSYIFRLSCTRLGQWAIGYVTADGNILQTIPHNKPLFQALIDGFREGFYLFPDG
RNQNPDLTG
;
B
#
# COMPACT_ATOMS: atom_id res chain seq x y z
N ASN A 5 -11.74 3.46 10.36
CA ASN A 5 -12.80 3.75 9.32
C ASN A 5 -13.83 2.65 9.36
N ASP A 6 -15.08 2.99 9.04
CA ASP A 6 -16.17 2.03 9.09
C ASP A 6 -16.40 1.12 7.86
N ILE A 8 -18.56 -2.01 6.51
CA ILE A 8 -19.72 -2.84 6.76
C ILE A 8 -19.45 -4.24 6.21
N ASP A 9 -20.08 -5.28 6.76
CA ASP A 9 -19.69 -6.61 6.33
C ASP A 9 -20.24 -7.23 5.07
N ASN A 10 -21.56 -7.20 4.85
CA ASN A 10 -22.05 -7.81 3.63
C ASN A 10 -23.29 -7.18 3.00
N PRO A 11 -23.10 -6.56 1.82
CA PRO A 11 -24.17 -5.90 1.05
C PRO A 11 -25.41 -6.77 0.80
N PRO B 26 22.08 0.18 -0.36
CA PRO B 26 22.05 1.08 0.80
C PRO B 26 23.24 0.86 1.74
N GLY B 27 23.52 1.89 2.54
CA GLY B 27 24.63 1.81 3.47
C GLY B 27 24.28 1.44 4.89
N THR B 28 25.32 1.33 5.73
CA THR B 28 25.18 0.98 7.13
C THR B 28 24.31 1.92 7.94
N VAL B 29 23.54 1.36 8.84
CA VAL B 29 22.69 2.13 9.70
C VAL B 29 23.16 2.11 11.14
N ASP B 30 23.33 3.29 11.73
CA ASP B 30 23.74 3.40 13.11
C ASP B 30 22.87 4.38 13.90
N LYS B 31 23.29 4.73 15.11
CA LYS B 31 22.53 5.64 15.96
C LYS B 31 22.20 7.01 15.31
N LYS B 32 23.22 7.80 15.02
CA LYS B 32 23.04 9.11 14.40
C LYS B 32 22.05 9.10 13.22
N MET B 33 22.16 8.06 12.40
CA MET B 33 21.29 7.86 11.25
C MET B 33 19.82 7.91 11.67
N VAL B 34 19.46 6.99 12.56
CA VAL B 34 18.11 6.90 13.08
C VAL B 34 17.65 8.19 13.73
N GLU B 35 18.59 8.85 14.41
CA GLU B 35 18.32 10.09 15.08
C GLU B 35 18.02 11.22 14.08
N LYS B 36 18.70 11.20 12.94
CA LYS B 36 18.43 12.22 11.92
C LYS B 36 17.02 12.01 11.34
N CYS B 37 16.63 10.75 11.17
CA CYS B 37 15.31 10.46 10.68
C CYS B 37 14.24 10.91 11.67
N TRP B 38 14.45 10.58 12.95
CA TRP B 38 13.51 11.01 13.96
C TRP B 38 13.29 12.52 13.91
N LYS B 39 14.39 13.27 13.77
CA LYS B 39 14.31 14.73 13.69
C LYS B 39 13.56 15.21 12.44
N LEU B 40 13.74 14.51 11.33
CA LEU B 40 13.03 14.84 10.11
C LEU B 40 11.54 14.50 10.25
N MET B 41 11.26 13.37 10.89
CA MET B 41 9.89 12.96 11.13
C MET B 41 9.17 13.98 12.01
N ASP B 42 9.86 14.46 13.05
CA ASP B 42 9.27 15.47 13.92
C ASP B 42 8.88 16.72 13.13
N LYS B 43 9.71 17.07 12.14
CA LYS B 43 9.39 18.22 11.31
C LYS B 43 8.13 17.96 10.46
N VAL B 44 8.01 16.77 9.90
CA VAL B 44 6.81 16.45 9.14
C VAL B 44 5.56 16.51 10.04
N VAL B 45 5.71 16.04 11.28
CA VAL B 45 4.62 16.09 12.20
C VAL B 45 4.19 17.53 12.47
N ARG B 46 5.16 18.41 12.73
CA ARG B 46 4.80 19.81 12.97
C ARG B 46 4.08 20.45 11.77
N LEU B 47 4.59 20.15 10.57
CA LEU B 47 4.02 20.63 9.34
C LEU B 47 2.56 20.19 9.14
N CYS B 48 2.27 18.97 9.54
CA CYS B 48 0.94 18.39 9.41
C CYS B 48 -0.07 18.76 10.52
N GLN B 49 0.39 19.46 11.55
CA GLN B 49 -0.51 19.89 12.60
C GLN B 49 -1.13 21.25 12.28
N ASN B 50 -0.81 21.76 11.10
CA ASN B 50 -1.34 23.03 10.65
C ASN B 50 -2.86 22.98 10.53
N PRO B 51 -3.57 23.81 11.32
CA PRO B 51 -5.04 23.87 11.31
C PRO B 51 -5.63 24.05 9.91
N LYS B 52 -4.85 24.64 9.00
CA LYS B 52 -5.31 24.86 7.64
C LYS B 52 -5.58 23.59 6.85
N LEU B 53 -4.83 22.52 7.16
CA LEU B 53 -5.01 21.25 6.47
C LEU B 53 -6.34 20.56 6.79
N ALA B 54 -6.92 20.85 7.96
CA ALA B 54 -8.16 20.21 8.38
C ALA B 54 -8.05 18.68 8.26
N LEU B 55 -6.88 18.15 8.65
CA LEU B 55 -6.60 16.73 8.59
C LEU B 55 -7.50 15.84 9.45
N LYS B 56 -8.19 14.88 8.83
CA LYS B 56 -9.03 14.00 9.58
C LYS B 56 -8.22 12.88 10.22
N ASN B 57 -8.73 12.35 11.31
CA ASN B 57 -8.06 11.31 12.05
C ASN B 57 -8.06 9.90 11.42
N SER B 58 -8.67 9.74 10.26
CA SER B 58 -8.72 8.43 9.69
C SER B 58 -7.48 7.87 9.03
N PRO B 59 -7.31 6.55 9.13
CA PRO B 59 -6.18 5.86 8.53
C PRO B 59 -6.26 6.07 7.01
N PRO B 60 -5.14 6.43 6.35
CA PRO B 60 -3.82 6.65 6.94
C PRO B 60 -3.73 8.04 7.54
N TYR B 61 -3.38 8.10 8.83
CA TYR B 61 -3.24 9.36 9.52
C TYR B 61 -1.78 9.63 9.88
N ILE B 62 -1.17 10.56 9.14
CA ILE B 62 0.24 10.91 9.33
C ILE B 62 0.64 11.23 10.79
N LEU B 63 -0.24 11.94 11.51
CA LEU B 63 0.05 12.27 12.90
C LEU B 63 0.15 11.05 13.85
N ASP B 64 -0.38 9.91 13.42
CA ASP B 64 -0.27 8.69 14.22
C ASP B 64 0.89 7.83 13.71
N LEU B 65 0.93 7.69 12.39
CA LEU B 65 1.93 6.89 11.71
C LEU B 65 3.39 7.24 12.01
N LEU B 66 3.76 8.52 11.98
CA LEU B 66 5.15 8.83 12.24
C LEU B 66 5.54 8.50 13.68
N PRO B 67 4.79 9.00 14.67
CA PRO B 67 5.12 8.69 16.07
C PRO B 67 5.17 7.16 16.26
N ASP B 68 4.22 6.44 15.65
CA ASP B 68 4.21 4.96 15.74
C ASP B 68 5.45 4.33 15.09
N THR B 69 5.90 4.93 14.00
CA THR B 69 7.09 4.44 13.33
C THR B 69 8.33 4.65 14.22
N TYR B 70 8.40 5.84 14.81
CA TYR B 70 9.48 6.16 15.73
C TYR B 70 9.49 5.14 16.88
N GLN B 71 8.29 4.90 17.41
CA GLN B 71 8.13 3.97 18.48
C GLN B 71 8.62 2.56 18.11
N HIS B 72 8.29 2.09 16.91
CA HIS B 72 8.76 0.78 16.55
C HIS B 72 10.28 0.76 16.29
N LEU B 73 10.83 1.85 15.76
CA LEU B 73 12.27 1.90 15.55
C LEU B 73 12.99 1.88 16.91
N ARG B 74 12.38 2.53 17.89
CA ARG B 74 12.91 2.57 19.23
C ARG B 74 12.91 1.17 19.81
N THR B 75 11.85 0.41 19.51
CA THR B 75 11.73 -0.97 19.95
C THR B 75 12.81 -1.87 19.32
N ILE B 76 13.01 -1.73 18.01
CA ILE B 76 14.04 -2.48 17.33
C ILE B 76 15.41 -2.19 17.96
N LEU B 77 15.71 -0.90 18.13
CA LEU B 77 16.96 -0.53 18.76
C LEU B 77 17.11 -1.13 20.16
N SER B 78 16.06 -1.03 20.96
CA SER B 78 16.07 -1.57 22.30
C SER B 78 16.44 -3.05 22.33
N ARG B 79 16.04 -3.77 21.30
CA ARG B 79 16.35 -5.18 21.25
C ARG B 79 17.71 -5.50 20.64
N TYR B 80 18.34 -4.48 20.07
CA TYR B 80 19.66 -4.67 19.51
C TYR B 80 20.76 -3.95 20.30
N GLU B 81 20.41 -3.49 21.48
CA GLU B 81 21.36 -2.84 22.37
C GLU B 81 22.64 -3.65 22.50
N GLY B 82 23.77 -3.04 22.18
CA GLY B 82 25.02 -3.77 22.25
C GLY B 82 25.30 -4.36 20.88
N LYS B 83 24.46 -5.30 20.43
CA LYS B 83 24.64 -5.91 19.12
C LYS B 83 24.18 -5.03 17.97
N MET B 84 24.41 -3.73 18.11
CA MET B 84 24.06 -2.76 17.11
C MET B 84 24.69 -3.03 15.75
N GLU B 85 25.87 -3.64 15.76
CA GLU B 85 26.56 -3.93 14.52
C GLU B 85 25.75 -4.84 13.61
N THR B 86 25.13 -5.87 14.20
CA THR B 86 24.31 -6.80 13.43
C THR B 86 23.14 -6.09 12.73
N LEU B 87 22.41 -5.30 13.51
CA LEU B 87 21.30 -4.54 13.00
C LEU B 87 21.69 -3.63 11.83
N GLY B 88 22.73 -2.83 12.03
CA GLY B 88 23.21 -1.91 11.01
C GLY B 88 23.66 -2.59 9.73
N GLU B 89 24.00 -3.87 9.80
CA GLU B 89 24.42 -4.60 8.64
C GLU B 89 23.25 -5.26 7.89
N ASN B 90 22.12 -5.40 8.57
CA ASN B 90 20.94 -6.00 7.99
C ASN B 90 20.49 -5.28 6.68
N GLU B 91 20.49 -6.03 5.58
CA GLU B 91 20.12 -5.52 4.27
C GLU B 91 18.76 -4.81 4.26
N TYR B 92 17.72 -5.52 4.69
CA TYR B 92 16.39 -4.96 4.75
C TYR B 92 16.35 -3.66 5.55
N PHE B 93 16.91 -3.68 6.75
CA PHE B 93 16.91 -2.50 7.59
C PHE B 93 17.64 -1.30 6.97
N ARG B 94 18.76 -1.54 6.29
CA ARG B 94 19.46 -0.44 5.65
C ARG B 94 18.58 0.19 4.58
N VAL B 95 17.97 -0.67 3.78
CA VAL B 95 17.08 -0.18 2.75
C VAL B 95 15.87 0.60 3.33
N PHE B 96 15.28 0.07 4.39
CA PHE B 96 14.14 0.71 5.03
C PHE B 96 14.45 2.09 5.55
N MET B 97 15.57 2.18 6.26
CA MET B 97 16.00 3.45 6.82
C MET B 97 16.30 4.46 5.72
N GLU B 98 16.92 3.97 4.65
CA GLU B 98 17.22 4.83 3.53
C GLU B 98 15.93 5.40 2.92
N ASN B 99 14.93 4.55 2.74
CA ASN B 99 13.66 4.98 2.19
C ASN B 99 12.92 5.92 3.14
N LEU B 100 12.93 5.57 4.43
CA LEU B 100 12.28 6.40 5.43
C LEU B 100 12.82 7.83 5.40
N MET B 101 14.15 7.97 5.34
CA MET B 101 14.73 9.30 5.26
C MET B 101 14.37 10.00 3.94
N LYS B 102 14.40 9.24 2.84
CA LYS B 102 14.05 9.84 1.57
C LYS B 102 12.59 10.29 1.52
N LYS B 103 11.70 9.46 2.05
CA LYS B 103 10.28 9.78 2.06
C LYS B 103 9.96 10.99 2.93
N THR B 104 10.60 11.07 4.09
CA THR B 104 10.38 12.19 4.98
C THR B 104 10.85 13.51 4.35
N LYS B 105 12.00 13.45 3.65
CA LYS B 105 12.51 14.63 2.96
C LYS B 105 11.59 15.07 1.82
N GLN B 106 11.07 14.10 1.06
CA GLN B 106 10.13 14.43 -0.01
C GLN B 106 8.90 15.18 0.53
N THR B 107 8.41 14.73 1.70
CA THR B 107 7.25 15.35 2.34
C THR B 107 7.53 16.77 2.79
N ILE B 108 8.73 16.99 3.35
CA ILE B 108 9.15 18.32 3.76
C ILE B 108 9.21 19.26 2.53
N SER B 109 9.78 18.73 1.44
CA SER B 109 9.88 19.46 0.18
C SER B 109 8.53 19.80 -0.41
N LEU B 110 7.59 18.88 -0.27
CA LEU B 110 6.24 19.07 -0.76
C LEU B 110 5.57 20.30 -0.11
N PHE B 111 5.70 20.41 1.22
CA PHE B 111 5.13 21.54 1.93
C PHE B 111 5.82 22.85 1.53
N LYS B 112 7.12 22.76 1.30
CA LYS B 112 7.89 23.91 0.90
C LYS B 112 7.49 24.46 -0.46
N GLU B 113 7.43 23.60 -1.47
CA GLU B 113 7.07 24.04 -2.82
C GLU B 113 5.57 24.18 -3.11
N GLY B 114 4.73 23.53 -2.31
CA GLY B 114 3.29 23.62 -2.52
C GLY B 114 2.71 24.84 -1.85
N LYS B 115 3.42 25.34 -0.84
CA LYS B 115 3.00 26.50 -0.10
C LYS B 115 1.53 26.50 0.30
N GLU B 116 0.78 27.53 -0.09
CA GLU B 116 -0.63 27.60 0.25
C GLU B 116 -1.49 26.57 -0.49
N ARG B 117 -0.95 25.92 -1.51
CA ARG B 117 -1.71 24.91 -2.23
C ARG B 117 -1.91 23.62 -1.42
N MET B 118 -1.10 23.45 -0.38
CA MET B 118 -1.20 22.31 0.50
C MET B 118 -2.53 22.25 1.24
N TYR B 119 -3.18 23.41 1.32
CA TYR B 119 -4.45 23.52 2.01
C TYR B 119 -5.64 23.58 1.07
N GLU B 120 -5.34 23.55 -0.23
CA GLU B 120 -6.37 23.58 -1.24
C GLU B 120 -6.83 22.18 -1.59
N GLU B 121 -7.89 21.73 -0.92
CA GLU B 121 -8.40 20.42 -1.21
C GLU B 121 -8.60 20.21 -2.71
N ASN B 122 -8.12 19.07 -3.20
CA ASN B 122 -8.20 18.71 -4.62
C ASN B 122 -6.99 19.13 -5.45
N SER B 123 -6.05 19.83 -4.81
CA SER B 123 -4.85 20.26 -5.50
C SER B 123 -3.81 19.14 -5.54
N GLN B 124 -3.02 19.07 -6.59
CA GLN B 124 -2.02 18.01 -6.66
C GLN B 124 -1.10 17.93 -5.44
N PRO B 125 -0.63 19.08 -4.94
CA PRO B 125 0.25 19.11 -3.77
C PRO B 125 -0.39 18.34 -2.60
N ARG B 126 -1.69 18.58 -2.39
CA ARG B 126 -2.39 17.89 -1.32
C ARG B 126 -2.56 16.39 -1.60
N ARG B 127 -2.87 16.02 -2.84
CA ARG B 127 -3.00 14.63 -3.17
C ARG B 127 -1.69 13.89 -2.92
N ASN B 128 -0.57 14.54 -3.23
CA ASN B 128 0.71 13.93 -2.98
C ASN B 128 0.94 13.66 -1.50
N LEU B 129 0.45 14.56 -0.65
CA LEU B 129 0.57 14.36 0.80
C LEU B 129 -0.23 13.12 1.24
N THR B 130 -1.40 12.94 0.62
CA THR B 130 -2.21 11.80 0.94
C THR B 130 -1.55 10.49 0.51
N LYS B 131 -0.96 10.48 -0.69
CA LYS B 131 -0.30 9.30 -1.19
C LYS B 131 0.89 8.93 -0.30
N LEU B 132 1.62 9.96 0.15
CA LEU B 132 2.74 9.73 1.06
C LEU B 132 2.24 9.12 2.37
N SER B 133 1.15 9.69 2.90
CA SER B 133 0.57 9.16 4.10
C SER B 133 0.34 7.68 3.95
N LEU B 134 -0.24 7.33 2.79
CA LEU B 134 -0.50 5.96 2.48
C LEU B 134 0.80 5.16 2.44
N ILE B 135 1.83 5.74 1.83
CA ILE B 135 3.11 5.06 1.78
C ILE B 135 3.73 4.90 3.18
N PHE B 136 3.61 5.92 4.03
CA PHE B 136 4.09 5.76 5.37
C PHE B 136 3.37 4.59 6.08
N SER B 137 2.08 4.43 5.76
CA SER B 137 1.32 3.35 6.37
C SER B 137 1.83 1.98 5.93
N HIS B 138 2.06 1.82 4.62
CA HIS B 138 2.59 0.57 4.09
C HIS B 138 4.01 0.27 4.63
N MET B 139 4.82 1.31 4.77
CA MET B 139 6.14 1.16 5.29
C MET B 139 6.12 0.65 6.73
N LEU B 140 5.30 1.29 7.56
CA LEU B 140 5.19 0.87 8.94
C LEU B 140 4.71 -0.58 9.05
N ALA B 141 3.73 -0.94 8.22
CA ALA B 141 3.22 -2.28 8.23
C ALA B 141 4.32 -3.27 7.84
N GLU B 142 5.05 -2.94 6.79
CA GLU B 142 6.15 -3.79 6.36
C GLU B 142 7.20 -3.97 7.48
N LEU B 143 7.59 -2.85 8.08
CA LEU B 143 8.55 -2.86 9.15
C LEU B 143 8.10 -3.78 10.29
N LYS B 144 6.82 -3.71 10.65
CA LYS B 144 6.29 -4.55 11.70
C LYS B 144 6.21 -6.01 11.29
N GLY B 145 6.01 -6.25 10.00
CA GLY B 145 5.94 -7.61 9.50
C GLY B 145 7.31 -8.29 9.44
N ILE B 146 8.37 -7.53 9.22
CA ILE B 146 9.73 -8.08 9.16
C ILE B 146 10.40 -8.12 10.55
N PHE B 147 10.11 -7.08 11.34
CA PHE B 147 10.58 -6.93 12.73
C PHE B 147 9.43 -7.04 13.75
N PRO B 148 8.69 -8.17 13.78
CA PRO B 148 7.61 -8.24 14.77
C PRO B 148 8.32 -8.36 16.13
N SER B 149 7.91 -7.56 17.10
CA SER B 149 8.55 -7.59 18.42
C SER B 149 9.95 -6.93 18.48
N GLY B 150 10.40 -6.34 17.37
CA GLY B 150 11.69 -5.66 17.38
C GLY B 150 12.90 -6.43 16.89
N LEU B 151 12.76 -7.74 16.76
CA LEU B 151 13.84 -8.59 16.27
C LEU B 151 13.64 -9.01 14.81
N PHE B 152 14.69 -8.96 14.02
CA PHE B 152 14.60 -9.34 12.61
C PHE B 152 14.12 -10.77 12.36
N GLN B 153 13.07 -10.90 11.56
CA GLN B 153 12.52 -12.21 11.23
C GLN B 153 12.16 -12.35 9.76
N GLY B 154 12.73 -11.50 8.92
CA GLY B 154 12.42 -11.55 7.50
C GLY B 154 12.77 -12.88 6.88
N ASP B 155 13.88 -13.45 7.34
CA ASP B 155 14.34 -14.72 6.84
C ASP B 155 13.34 -15.85 7.08
N THR B 156 12.48 -15.66 8.07
CA THR B 156 11.47 -16.67 8.37
C THR B 156 10.04 -16.20 8.09
N PHE B 157 9.92 -15.15 7.29
CA PHE B 157 8.62 -14.61 6.94
C PHE B 157 7.65 -15.65 6.30
N ARG B 158 6.39 -15.66 6.70
CA ARG B 158 5.43 -16.62 6.15
C ARG B 158 4.64 -16.16 4.93
N ILE B 159 5.05 -16.54 3.73
CA ILE B 159 4.26 -16.17 2.60
C ILE B 159 2.93 -16.91 2.68
N THR B 160 1.83 -16.17 2.59
CA THR B 160 0.52 -16.73 2.75
C THR B 160 0.03 -17.74 1.70
N LYS B 161 0.28 -17.48 0.42
CA LYS B 161 -0.15 -18.44 -0.59
C LYS B 161 0.94 -19.49 -0.84
N ALA B 162 0.63 -20.76 -0.66
CA ALA B 162 1.62 -21.81 -0.85
C ALA B 162 2.42 -21.71 -2.17
N ASP B 163 1.73 -21.57 -3.31
CA ASP B 163 2.40 -21.42 -4.62
C ASP B 163 3.34 -20.22 -4.66
N ALA B 164 2.85 -19.07 -4.21
CA ALA B 164 3.70 -17.90 -4.19
C ALA B 164 4.92 -18.15 -3.31
N ALA B 165 4.68 -18.84 -2.20
CA ALA B 165 5.75 -19.19 -1.26
C ALA B 165 6.87 -19.97 -1.94
N GLU B 166 6.50 -20.99 -2.70
CA GLU B 166 7.47 -21.80 -3.41
C GLU B 166 8.28 -20.96 -4.41
N PHE B 167 7.57 -20.14 -5.18
CA PHE B 167 8.24 -19.30 -6.12
C PHE B 167 9.30 -18.45 -5.48
N TRP B 168 9.00 -17.87 -4.32
CA TRP B 168 9.97 -17.01 -3.67
C TRP B 168 11.20 -17.77 -3.15
N ARG B 169 10.98 -18.89 -2.45
CA ARG B 169 12.11 -19.65 -1.94
C ARG B 169 13.00 -20.25 -3.05
N LYS B 170 12.41 -20.62 -4.18
CA LYS B 170 13.19 -21.15 -5.28
C LYS B 170 14.00 -20.08 -6.01
N ALA B 171 13.46 -18.87 -6.08
CA ALA B 171 14.17 -17.81 -6.75
C ALA B 171 15.04 -16.95 -5.85
N PHE B 172 14.61 -16.71 -4.62
CA PHE B 172 15.38 -15.87 -3.71
C PHE B 172 15.73 -16.51 -2.36
N GLY B 173 15.36 -17.78 -2.18
CA GLY B 173 15.66 -18.46 -0.92
C GLY B 173 14.99 -17.83 0.29
N GLU B 174 15.82 -17.33 1.20
CA GLU B 174 15.31 -16.70 2.40
C GLU B 174 15.51 -15.17 2.44
N LYS B 175 15.96 -14.58 1.35
CA LYS B 175 16.14 -13.15 1.32
C LYS B 175 14.85 -12.40 1.69
N THR B 176 15.01 -11.24 2.30
CA THR B 176 13.86 -10.45 2.69
C THR B 176 13.52 -9.35 1.69
N ILE B 177 14.53 -8.95 0.93
CA ILE B 177 14.35 -7.91 -0.04
C ILE B 177 15.22 -8.10 -1.27
N VAL B 178 14.64 -7.84 -2.45
CA VAL B 178 15.39 -7.94 -3.69
C VAL B 178 15.18 -6.74 -4.61
N PRO B 179 16.11 -6.49 -5.54
CA PRO B 179 15.94 -5.35 -6.44
C PRO B 179 14.81 -5.63 -7.42
N TRP B 180 14.13 -4.58 -7.87
CA TRP B 180 13.03 -4.71 -8.81
C TRP B 180 13.41 -5.49 -10.07
N LYS B 181 14.49 -5.08 -10.72
CA LYS B 181 14.94 -5.78 -11.92
C LYS B 181 15.10 -7.27 -11.65
N SER B 182 15.70 -7.56 -10.51
CA SER B 182 15.92 -8.91 -10.10
C SER B 182 14.57 -9.64 -9.88
N PHE B 183 13.63 -8.93 -9.26
CA PHE B 183 12.33 -9.54 -9.05
C PHE B 183 11.62 -9.73 -10.39
N ARG B 184 11.64 -8.70 -11.23
CA ARG B 184 11.00 -8.73 -12.54
C ARG B 184 11.43 -9.92 -13.40
N GLN B 185 12.74 -10.09 -13.55
CA GLN B 185 13.27 -11.21 -14.33
C GLN B 185 12.82 -12.57 -13.82
N ALA B 186 12.88 -12.76 -12.49
CA ALA B 186 12.45 -14.03 -11.92
C ALA B 186 10.97 -14.30 -12.15
N LEU B 187 10.14 -13.27 -11.94
CA LEU B 187 8.71 -13.46 -12.14
C LEU B 187 8.39 -13.76 -13.59
N HIS B 188 9.05 -13.01 -14.48
CA HIS B 188 8.85 -13.17 -15.91
C HIS B 188 9.07 -14.60 -16.41
N GLU B 189 10.02 -15.31 -15.78
CA GLU B 189 10.27 -16.67 -16.16
C GLU B 189 9.09 -17.60 -15.88
N VAL B 190 8.27 -17.23 -14.90
CA VAL B 190 7.12 -18.02 -14.52
C VAL B 190 5.83 -17.42 -15.04
N HIS B 191 5.74 -16.10 -14.93
CA HIS B 191 4.59 -15.34 -15.40
C HIS B 191 5.05 -14.25 -16.38
N PRO B 192 5.07 -14.57 -17.68
CA PRO B 192 5.51 -13.61 -18.71
C PRO B 192 4.83 -12.27 -18.64
N ILE B 193 5.65 -11.23 -18.59
CA ILE B 193 5.22 -9.86 -18.59
C ILE B 193 5.28 -9.37 -20.04
N SER B 194 4.12 -9.02 -20.60
CA SER B 194 4.00 -8.62 -21.99
C SER B 194 4.83 -7.46 -22.54
N SER B 195 5.18 -6.48 -21.73
CA SER B 195 5.89 -5.33 -22.27
C SER B 195 6.54 -4.46 -21.22
N GLY B 196 7.27 -3.43 -21.66
CA GLY B 196 7.92 -2.53 -20.75
C GLY B 196 6.87 -1.74 -19.97
N LEU B 197 5.80 -1.32 -20.65
CA LEU B 197 4.74 -0.57 -20.01
C LEU B 197 3.98 -1.41 -18.97
N GLU B 198 3.74 -2.67 -19.28
CA GLU B 198 3.08 -3.54 -18.32
C GLU B 198 3.97 -3.77 -17.08
N ALA B 199 5.28 -3.89 -17.32
CA ALA B 199 6.23 -4.05 -16.23
C ALA B 199 6.21 -2.83 -15.29
N MET B 200 6.11 -1.64 -15.88
CA MET B 200 6.05 -0.43 -15.10
C MET B 200 4.72 -0.34 -14.31
N ALA B 201 3.64 -0.83 -14.92
CA ALA B 201 2.35 -0.88 -14.25
C ALA B 201 2.39 -1.84 -13.04
N LEU B 202 3.02 -3.00 -13.28
CA LEU B 202 3.18 -4.02 -12.26
C LEU B 202 4.00 -3.50 -11.09
N LYS B 203 5.12 -2.86 -11.40
CA LYS B 203 5.96 -2.30 -10.38
C LYS B 203 5.21 -1.28 -9.48
N SER B 204 4.49 -0.33 -10.09
CA SER B 204 3.74 0.63 -9.31
C SER B 204 2.67 -0.05 -8.40
N THR B 205 2.16 -1.21 -8.83
CA THR B 205 1.21 -1.93 -8.04
C THR B 205 1.86 -2.67 -6.84
N ILE B 206 2.94 -3.40 -7.08
CA ILE B 206 3.62 -4.16 -6.03
C ILE B 206 4.51 -3.36 -5.10
N ASP B 207 5.15 -2.34 -5.63
CA ASP B 207 6.07 -1.55 -4.84
C ASP B 207 5.38 -0.53 -3.90
N LEU B 208 4.68 -1.07 -2.90
CA LEU B 208 3.93 -0.29 -1.93
C LEU B 208 4.75 0.77 -1.18
N THR B 209 6.00 0.44 -0.86
CA THR B 209 6.85 1.41 -0.16
C THR B 209 7.59 2.36 -1.13
N CYS B 210 7.34 2.16 -2.42
CA CYS B 210 7.94 3.00 -3.47
C CYS B 210 9.44 3.21 -3.32
N ASN B 211 10.18 2.11 -3.22
CA ASN B 211 11.61 2.22 -3.07
C ASN B 211 12.42 1.38 -4.07
N ASP B 212 11.79 0.99 -5.17
CA ASP B 212 12.44 0.22 -6.23
C ASP B 212 12.97 -1.14 -5.81
N TYR B 213 12.54 -1.56 -4.62
CA TYR B 213 12.88 -2.86 -4.12
C TYR B 213 11.61 -3.62 -3.88
N ILE B 214 11.69 -4.95 -3.86
CA ILE B 214 10.54 -5.77 -3.57
C ILE B 214 10.80 -6.63 -2.34
N SER B 215 10.13 -6.33 -1.22
CA SER B 215 10.30 -7.16 -0.05
C SER B 215 9.38 -8.37 -0.08
N VAL B 216 9.77 -9.40 0.66
CA VAL B 216 8.96 -10.59 0.76
C VAL B 216 7.55 -10.24 1.30
N PHE B 217 7.49 -9.14 2.02
CA PHE B 217 6.25 -8.62 2.59
C PHE B 217 5.35 -8.04 1.49
N GLU B 218 5.91 -7.17 0.65
CA GLU B 218 5.16 -6.62 -0.46
C GLU B 218 4.75 -7.73 -1.40
N PHE B 219 5.66 -8.69 -1.57
CA PHE B 219 5.36 -9.82 -2.41
C PHE B 219 4.15 -10.59 -1.86
N ASP B 220 4.13 -10.76 -0.54
CA ASP B 220 3.02 -11.44 0.08
C ASP B 220 1.70 -10.71 -0.16
N ILE B 221 1.71 -9.39 0.04
CA ILE B 221 0.50 -8.61 -0.19
C ILE B 221 -0.04 -8.73 -1.61
N PHE B 222 0.85 -8.55 -2.58
CA PHE B 222 0.46 -8.64 -3.97
C PHE B 222 -0.13 -10.02 -4.35
N THR B 223 0.55 -11.08 -3.94
CA THR B 223 0.05 -12.40 -4.29
C THR B 223 -1.23 -12.77 -3.54
N ARG B 224 -1.48 -12.21 -2.36
CA ARG B 224 -2.77 -12.50 -1.72
C ARG B 224 -3.90 -11.73 -2.47
N LEU B 225 -3.64 -10.47 -2.80
CA LEU B 225 -4.62 -9.65 -3.51
C LEU B 225 -5.00 -10.17 -4.91
N PHE B 226 -4.00 -10.70 -5.62
CA PHE B 226 -4.22 -11.15 -6.98
C PHE B 226 -4.19 -12.65 -7.23
N GLN B 227 -4.42 -13.43 -6.17
CA GLN B 227 -4.52 -14.86 -6.26
C GLN B 227 -5.71 -15.23 -7.16
N PRO B 228 -5.74 -16.45 -7.72
CA PRO B 228 -4.72 -17.48 -7.54
C PRO B 228 -3.43 -17.27 -8.32
N TRP B 229 -2.35 -17.77 -7.73
CA TRP B 229 -1.04 -17.66 -8.31
C TRP B 229 -0.95 -18.21 -9.74
N SER B 230 -1.65 -19.30 -10.01
CA SER B 230 -1.59 -19.92 -11.30
C SER B 230 -1.89 -18.96 -12.46
N SER B 231 -2.79 -18.00 -12.25
CA SER B 231 -3.10 -17.01 -13.27
C SER B 231 -2.83 -15.58 -12.77
N LEU B 232 -1.83 -15.47 -11.91
CA LEU B 232 -1.48 -14.21 -11.28
C LEU B 232 -1.61 -12.92 -12.12
N LEU B 233 -0.78 -12.78 -13.14
CA LEU B 233 -0.81 -11.58 -13.94
C LEU B 233 -2.09 -11.38 -14.75
N ARG B 234 -2.77 -12.46 -15.10
CA ARG B 234 -4.03 -12.30 -15.78
C ARG B 234 -5.05 -11.68 -14.82
N ASN B 235 -5.03 -12.17 -13.57
CA ASN B 235 -5.91 -11.64 -12.55
C ASN B 235 -5.69 -10.14 -12.36
N TRP B 236 -4.43 -9.76 -12.20
CA TRP B 236 -4.05 -8.39 -12.03
C TRP B 236 -4.40 -7.52 -13.26
N ASN B 237 -4.29 -8.12 -14.44
CA ASN B 237 -4.63 -7.38 -15.60
C ASN B 237 -6.12 -7.05 -15.66
N SER B 238 -6.95 -8.04 -15.37
CA SER B 238 -8.39 -7.86 -15.40
C SER B 238 -8.98 -7.03 -14.24
N LEU B 239 -8.30 -7.03 -13.11
CA LEU B 239 -8.79 -6.30 -11.91
C LEU B 239 -8.20 -4.92 -11.69
N ALA B 240 -7.03 -4.68 -12.28
CA ALA B 240 -6.38 -3.42 -12.10
C ALA B 240 -5.97 -2.68 -13.40
N VAL B 241 -5.31 -3.38 -14.31
CA VAL B 241 -4.84 -2.75 -15.54
C VAL B 241 -5.94 -2.29 -16.51
N THR B 242 -6.96 -3.11 -16.71
CA THR B 242 -8.02 -2.72 -17.60
C THR B 242 -9.36 -2.41 -16.92
N HIS B 243 -9.40 -2.48 -15.59
CA HIS B 243 -10.65 -2.19 -14.84
C HIS B 243 -10.82 -0.73 -14.37
N PRO B 244 -11.85 -0.03 -14.86
CA PRO B 244 -12.03 1.34 -14.43
C PRO B 244 -12.39 1.52 -12.93
N GLY B 245 -12.76 0.44 -12.27
CA GLY B 245 -13.12 0.53 -10.86
C GLY B 245 -11.93 0.56 -9.91
N TYR B 246 -10.79 0.00 -10.33
CA TYR B 246 -9.59 -0.04 -9.51
C TYR B 246 -8.99 1.33 -9.25
N MET B 247 -8.64 1.60 -8.00
CA MET B 247 -8.07 2.87 -7.65
C MET B 247 -6.72 2.67 -6.96
N ALA B 248 -5.65 2.84 -7.74
CA ALA B 248 -4.27 2.63 -7.27
C ALA B 248 -3.86 3.13 -5.89
N PHE B 249 -3.68 4.41 -5.65
CA PHE B 249 -3.23 4.65 -4.26
C PHE B 249 -4.25 5.52 -3.54
N LEU B 250 -5.43 4.95 -3.31
CA LEU B 250 -6.52 5.67 -2.66
C LEU B 250 -6.79 5.30 -1.22
N THR B 251 -7.25 6.27 -0.46
CA THR B 251 -7.58 6.00 0.93
C THR B 251 -9.10 5.91 1.12
N TYR B 252 -9.52 5.45 2.29
CA TYR B 252 -10.93 5.34 2.58
C TYR B 252 -11.69 6.66 2.33
N ASP B 253 -11.16 7.75 2.88
CA ASP B 253 -11.75 9.05 2.69
C ASP B 253 -11.77 9.52 1.23
N GLU B 254 -10.74 9.17 0.46
CA GLU B 254 -10.75 9.58 -0.92
C GLU B 254 -11.82 8.83 -1.69
N VAL B 255 -12.04 7.57 -1.33
CA VAL B 255 -13.08 6.79 -1.98
C VAL B 255 -14.46 7.43 -1.74
N LYS B 256 -14.70 7.81 -0.49
CA LYS B 256 -15.96 8.44 -0.15
C LYS B 256 -16.14 9.75 -0.93
N ALA B 257 -15.09 10.56 -0.99
CA ALA B 257 -15.18 11.80 -1.74
C ALA B 257 -15.37 11.57 -3.25
N ARG B 258 -14.66 10.59 -3.80
CA ARG B 258 -14.77 10.29 -5.22
C ARG B 258 -16.16 9.79 -5.62
N LEU B 259 -16.85 9.11 -4.71
CA LEU B 259 -18.18 8.61 -5.01
C LEU B 259 -19.29 9.64 -4.80
N GLN B 260 -18.99 10.75 -4.13
CA GLN B 260 -20.00 11.79 -3.92
C GLN B 260 -20.71 12.24 -5.21
N LYS B 261 -19.94 12.50 -6.26
CA LYS B 261 -20.55 12.95 -7.50
C LYS B 261 -21.53 11.94 -8.07
N PHE B 262 -21.47 10.71 -7.57
CA PHE B 262 -22.36 9.67 -8.04
C PHE B 262 -23.43 9.30 -7.03
N ILE B 263 -23.60 10.14 -6.03
CA ILE B 263 -24.58 9.85 -5.00
C ILE B 263 -26.00 9.64 -5.51
N HIS B 264 -26.30 10.17 -6.70
CA HIS B 264 -27.61 9.98 -7.29
C HIS B 264 -27.62 8.88 -8.31
N LYS B 265 -26.51 8.15 -8.38
CA LYS B 265 -26.40 7.03 -9.28
C LYS B 265 -26.10 5.69 -8.54
N PRO B 266 -27.12 5.13 -7.87
CA PRO B 266 -26.94 3.87 -7.14
C PRO B 266 -26.27 2.79 -8.01
N GLY B 267 -25.36 2.02 -7.43
CA GLY B 267 -24.68 1.00 -8.20
C GLY B 267 -23.28 1.47 -8.59
N SER B 268 -23.01 2.75 -8.41
CA SER B 268 -21.69 3.24 -8.72
C SER B 268 -20.70 2.71 -7.67
N TYR B 269 -19.56 2.21 -8.11
CA TYR B 269 -18.62 1.65 -7.17
C TYR B 269 -17.17 1.72 -7.63
N ILE B 270 -16.27 1.68 -6.64
CA ILE B 270 -14.85 1.63 -6.90
C ILE B 270 -14.18 0.73 -5.86
N PHE B 271 -12.98 0.25 -6.15
CA PHE B 271 -12.30 -0.58 -5.19
C PHE B 271 -10.80 -0.33 -5.14
N ARG B 272 -10.19 -0.73 -4.03
CA ARG B 272 -8.79 -0.47 -3.78
C ARG B 272 -8.24 -1.36 -2.68
N LEU B 273 -6.94 -1.22 -2.43
CA LEU B 273 -6.33 -1.94 -1.35
C LEU B 273 -6.73 -1.34 -0.01
N SER B 274 -7.17 -2.18 0.91
CA SER B 274 -7.45 -1.67 2.24
C SER B 274 -6.13 -1.19 2.87
N CYS B 275 -6.17 -0.07 3.55
CA CYS B 275 -4.98 0.46 4.18
C CYS B 275 -4.69 -0.25 5.54
N THR B 276 -5.73 -0.48 6.32
CA THR B 276 -5.59 -1.10 7.64
C THR B 276 -5.60 -2.63 7.69
N ARG B 277 -6.04 -3.24 6.60
CA ARG B 277 -6.06 -4.68 6.51
C ARG B 277 -5.29 -5.07 5.23
N LEU B 278 -4.01 -4.71 5.21
CA LEU B 278 -3.17 -4.96 4.04
C LEU B 278 -3.23 -6.37 3.52
N GLY B 279 -3.55 -6.50 2.23
CA GLY B 279 -3.62 -7.82 1.64
C GLY B 279 -5.04 -8.16 1.29
N GLN B 280 -5.96 -7.31 1.76
CA GLN B 280 -7.37 -7.43 1.51
C GLN B 280 -7.94 -6.24 0.75
N TRP B 281 -9.03 -6.50 0.06
CA TRP B 281 -9.70 -5.51 -0.72
C TRP B 281 -10.81 -4.73 0.01
N ALA B 282 -10.98 -3.47 -0.39
CA ALA B 282 -12.01 -2.58 0.12
C ALA B 282 -12.83 -2.05 -1.06
N ILE B 283 -14.14 -2.31 -1.04
CA ILE B 283 -15.00 -1.87 -2.12
C ILE B 283 -16.00 -0.81 -1.63
N GLY B 284 -16.02 0.35 -2.29
CA GLY B 284 -16.94 1.41 -1.91
C GLY B 284 -18.04 1.49 -2.96
N TYR B 285 -19.27 1.78 -2.52
CA TYR B 285 -20.35 1.87 -3.46
C TYR B 285 -21.52 2.73 -2.96
N VAL B 286 -22.27 3.27 -3.91
CA VAL B 286 -23.42 4.09 -3.63
C VAL B 286 -24.66 3.19 -3.55
N THR B 287 -25.36 3.25 -2.43
CA THR B 287 -26.57 2.46 -2.25
C THR B 287 -27.81 3.17 -2.84
N ALA B 288 -28.90 2.44 -2.99
CA ALA B 288 -30.14 3.02 -3.51
C ALA B 288 -30.76 4.02 -2.55
N ASP B 289 -30.43 3.88 -1.26
CA ASP B 289 -30.96 4.75 -0.23
C ASP B 289 -30.14 6.01 0.09
N GLY B 290 -29.16 6.29 -0.75
CA GLY B 290 -28.37 7.49 -0.54
C GLY B 290 -27.13 7.42 0.33
N ASN B 291 -26.64 6.21 0.59
CA ASN B 291 -25.45 6.10 1.38
C ASN B 291 -24.24 5.67 0.58
N ILE B 292 -23.06 5.97 1.10
CA ILE B 292 -21.83 5.51 0.47
C ILE B 292 -21.15 4.57 1.47
N LEU B 293 -21.17 3.28 1.13
CA LEU B 293 -20.65 2.29 2.02
C LEU B 293 -19.38 1.62 1.53
N GLN B 294 -18.56 1.16 2.46
CA GLN B 294 -17.36 0.43 2.09
C GLN B 294 -17.28 -0.91 2.80
N THR B 295 -16.96 -1.94 2.03
CA THR B 295 -16.85 -3.31 2.52
C THR B 295 -15.54 -3.96 2.23
N ILE B 296 -15.21 -4.95 3.04
CA ILE B 296 -14.05 -5.76 2.84
C ILE B 296 -14.54 -7.18 2.68
N PRO B 297 -14.51 -7.69 1.44
CA PRO B 297 -14.95 -9.05 1.11
C PRO B 297 -14.20 -10.12 1.90
N HIS B 298 -14.92 -11.08 2.47
CA HIS B 298 -14.32 -12.20 3.19
C HIS B 298 -14.69 -13.54 2.54
N ASN B 299 -13.78 -14.50 2.58
CA ASN B 299 -13.99 -15.82 2.02
C ASN B 299 -14.46 -15.90 0.57
N LYS B 300 -14.04 -14.93 -0.23
CA LYS B 300 -14.36 -14.92 -1.64
C LYS B 300 -13.44 -13.96 -2.37
N PRO B 301 -12.75 -14.44 -3.41
CA PRO B 301 -11.84 -13.56 -4.13
C PRO B 301 -12.58 -12.37 -4.76
N LEU B 302 -11.85 -11.29 -5.06
CA LEU B 302 -12.44 -10.10 -5.64
C LEU B 302 -13.33 -10.42 -6.85
N PHE B 303 -12.84 -11.29 -7.74
CA PHE B 303 -13.62 -11.70 -8.92
C PHE B 303 -15.05 -12.03 -8.54
N GLN B 304 -15.19 -12.95 -7.61
CA GLN B 304 -16.49 -13.39 -7.18
C GLN B 304 -17.31 -12.27 -6.50
N ALA B 305 -16.66 -11.45 -5.69
CA ALA B 305 -17.36 -10.36 -5.03
C ALA B 305 -17.94 -9.39 -6.06
N LEU B 306 -17.15 -9.08 -7.07
CA LEU B 306 -17.57 -8.18 -8.13
C LEU B 306 -18.71 -8.75 -8.97
N ILE B 307 -18.60 -10.03 -9.31
CA ILE B 307 -19.65 -10.69 -10.07
C ILE B 307 -20.95 -10.79 -9.26
N ASP B 308 -20.84 -11.17 -7.99
CA ASP B 308 -22.01 -11.25 -7.14
C ASP B 308 -22.65 -9.87 -6.90
N GLY B 309 -21.80 -8.88 -6.64
CA GLY B 309 -22.29 -7.53 -6.41
C GLY B 309 -23.01 -6.99 -7.64
N PHE B 310 -22.52 -7.35 -8.82
CA PHE B 310 -23.18 -6.90 -10.02
C PHE B 310 -24.59 -7.50 -10.09
N ARG B 311 -24.64 -8.83 -9.97
CA ARG B 311 -25.89 -9.54 -10.00
C ARG B 311 -26.91 -9.03 -8.98
N GLU B 312 -26.43 -8.59 -7.84
CA GLU B 312 -27.29 -8.09 -6.78
C GLU B 312 -27.63 -6.60 -6.85
N GLY B 313 -27.11 -5.92 -7.88
CA GLY B 313 -27.40 -4.50 -8.07
C GLY B 313 -26.53 -3.51 -7.30
N PHE B 314 -25.54 -4.00 -6.57
CA PHE B 314 -24.67 -3.13 -5.80
C PHE B 314 -23.46 -2.56 -6.55
N TYR B 315 -22.83 -3.39 -7.37
CA TYR B 315 -21.66 -2.98 -8.15
C TYR B 315 -21.95 -3.02 -9.65
N LEU B 316 -22.55 -1.94 -10.14
CA LEU B 316 -22.96 -1.82 -11.52
C LEU B 316 -22.13 -0.90 -12.41
N PHE B 317 -21.75 0.25 -11.89
CA PHE B 317 -21.04 1.24 -12.64
C PHE B 317 -19.70 1.60 -12.04
N PRO B 318 -18.61 0.98 -12.55
CA PRO B 318 -17.24 1.21 -12.05
C PRO B 318 -16.85 2.66 -12.27
N ASP B 319 -16.55 3.34 -11.17
CA ASP B 319 -16.22 4.74 -11.20
C ASP B 319 -17.34 5.56 -11.87
N GLY B 320 -18.57 5.08 -11.72
CA GLY B 320 -19.72 5.76 -12.29
C GLY B 320 -19.96 5.51 -13.77
N ARG B 321 -19.15 4.65 -14.38
CA ARG B 321 -19.31 4.38 -15.79
C ARG B 321 -20.41 3.38 -16.13
N ASN B 322 -21.14 3.68 -17.21
CA ASN B 322 -22.24 2.84 -17.63
C ASN B 322 -21.88 1.41 -17.96
N GLN B 323 -20.68 1.23 -18.51
CA GLN B 323 -20.21 -0.09 -18.85
C GLN B 323 -19.37 -0.75 -17.76
N ASN B 324 -19.74 -1.97 -17.41
CA ASN B 324 -19.05 -2.73 -16.39
C ASN B 324 -18.26 -3.90 -16.98
N PRO B 325 -16.97 -4.05 -16.62
CA PRO B 325 -16.18 -5.14 -17.16
C PRO B 325 -16.80 -6.52 -16.91
N ASP B 326 -16.70 -7.40 -17.90
CA ASP B 326 -17.18 -8.75 -17.74
C ASP B 326 -16.06 -9.67 -17.25
N LEU B 327 -16.02 -9.93 -15.95
CA LEU B 327 -14.97 -10.75 -15.38
C LEU B 327 -15.34 -12.24 -15.30
N THR B 328 -16.51 -12.58 -15.83
CA THR B 328 -16.98 -13.95 -15.85
C THR B 328 -16.26 -14.77 -16.93
N GLY B 329 -14.96 -14.93 -16.74
CA GLY B 329 -14.13 -15.67 -17.67
C GLY B 329 -12.65 -15.37 -17.43
#